data_6NG3
#
_entry.id   6NG3
#
_cell.length_a   87.930
_cell.length_b   87.930
_cell.length_c   157.698
_cell.angle_alpha   90.00
_cell.angle_beta   90.00
_cell.angle_gamma   90.00
#
_symmetry.space_group_name_H-M   'I 41 2 2'
#
loop_
_entity.id
_entity.type
_entity.pdbx_description
1 polymer 'CD160 antigen,Tumor necrosis factor receptor superfamily member 14'
2 branched beta-D-mannopyranose-(1-3)-beta-D-mannopyranose-(1-4)-2-acetamido-2-deoxy-beta-D-glucopyranose-(1-4)-2-acetamido-2-deoxy-beta-D-glucopyranose
3 branched 2-acetamido-2-deoxy-beta-D-glucopyranose-(1-4)-2-acetamido-2-deoxy-beta-D-glucopyranose
4 non-polymer 'MAGNESIUM ION'
#
_entity_poly.entity_id   1
_entity_poly.type   'polypeptide(L)'
_entity_poly.pdbx_seq_one_letter_code
;INITSSASQEGTRLNLICTVWHKKEEAEGFVVFLCKDRSGDCSPETSLKQLRLKRDPGIDGVGEISSQLMFTISQVTPLH
SGTYQCCARSQKSGIRLQGHFFSILFTETGNYTVTGLKGGGGSGGGGSGGGGSGGGGSLPSCKEDEYPVGSECCPKCSPG
YRVKEACGELTGTVCEPCPPGTYIAHLNGLSKCLQCQMCDPAMGLRASRNCSRTENAVCGCSPGHFCIVQDGDHCAACRA
YATGHHHHHH
;
_entity_poly.pdbx_strand_id   A
#
# COMPACT_ATOMS: atom_id res chain seq x y z
N ILE A 1 4.83 8.24 14.17
CA ILE A 1 4.29 8.21 12.77
C ILE A 1 2.89 7.58 12.73
N ASN A 2 1.95 8.29 12.11
CA ASN A 2 0.61 7.79 11.90
C ASN A 2 -0.06 8.50 10.75
N ILE A 3 -1.23 8.01 10.35
CA ILE A 3 -2.04 8.60 9.30
C ILE A 3 -3.51 8.51 9.66
N THR A 4 -4.25 9.58 9.39
CA THR A 4 -5.67 9.60 9.68
C THR A 4 -6.36 10.35 8.58
N SER A 5 -7.62 9.96 8.35
CA SER A 5 -8.49 10.50 7.29
C SER A 5 -9.70 11.13 7.97
N SER A 6 -10.22 12.22 7.44
CA SER A 6 -11.42 12.82 8.01
C SER A 6 -12.00 13.74 6.96
N ALA A 7 -13.17 14.32 7.23
CA ALA A 7 -13.81 15.21 6.25
C ALA A 7 -14.59 16.35 6.87
N SER A 8 -14.70 17.43 6.10
CA SER A 8 -15.38 18.64 6.53
C SER A 8 -16.22 19.14 5.37
N GLN A 9 -17.48 19.40 5.67
CA GLN A 9 -18.44 19.98 4.74
C GLN A 9 -18.54 21.44 5.13
N GLU A 10 -18.30 22.34 4.17
CA GLU A 10 -18.37 23.80 4.38
C GLU A 10 -19.05 24.43 3.16
N GLY A 11 -20.30 24.89 3.34
CA GLY A 11 -21.15 25.27 2.21
C GLY A 11 -21.63 23.99 1.53
N THR A 12 -21.76 24.03 0.20
CA THR A 12 -21.96 22.82 -0.64
C THR A 12 -20.64 21.99 -0.84
N ARG A 13 -19.51 22.66 -0.60
CA ARG A 13 -18.15 22.07 -0.64
C ARG A 13 -18.03 20.92 0.35
N LEU A 14 -17.32 19.88 -0.08
CA LEU A 14 -16.90 18.84 0.82
C LEU A 14 -15.39 18.69 0.75
N ASN A 15 -14.73 18.75 1.92
CA ASN A 15 -13.29 18.58 2.01
C ASN A 15 -12.86 17.25 2.58
N LEU A 16 -12.04 16.54 1.83
CA LEU A 16 -11.46 15.28 2.29
C LEU A 16 -10.02 15.54 2.76
N ILE A 17 -9.72 15.10 3.97
CA ILE A 17 -8.50 15.46 4.66
C ILE A 17 -7.68 14.21 5.03
N CYS A 18 -6.47 14.11 4.49
CA CYS A 18 -5.51 13.11 4.90
C CYS A 18 -4.45 13.77 5.79
N THR A 19 -4.26 13.31 7.02
CA THR A 19 -3.38 13.96 7.99
C THR A 19 -2.30 13.00 8.45
N VAL A 20 -1.04 13.39 8.36
CA VAL A 20 0.02 12.45 8.73
C VAL A 20 1.00 13.08 9.69
N TRP A 21 1.23 12.43 10.80
CA TRP A 21 2.27 12.86 11.75
C TRP A 21 3.50 12.06 11.48
N HIS A 22 4.65 12.71 11.29
CA HIS A 22 5.91 12.00 11.01
C HIS A 22 7.06 12.74 11.64
N LYS A 23 8.12 12.01 11.96
CA LYS A 23 9.29 12.61 12.61
C LYS A 23 9.91 13.61 11.67
N LYS A 24 10.29 14.76 12.22
CA LYS A 24 10.63 15.96 11.45
C LYS A 24 11.72 15.74 10.44
N GLU A 25 12.69 14.91 10.79
CA GLU A 25 13.82 14.68 9.89
C GLU A 25 13.51 13.52 8.91
N GLU A 26 12.29 13.04 8.96
CA GLU A 26 11.69 12.21 7.92
C GLU A 26 10.98 13.05 6.86
N ALA A 27 10.76 14.33 7.14
CA ALA A 27 9.91 15.17 6.28
C ALA A 27 10.44 15.29 4.88
N GLU A 28 11.75 15.45 4.77
CA GLU A 28 12.37 15.52 3.47
C GLU A 28 12.07 14.17 2.78
N GLY A 29 11.65 14.19 1.52
CA GLY A 29 11.26 12.96 0.79
C GLY A 29 9.81 12.47 0.87
N PHE A 30 8.99 13.12 1.71
CA PHE A 30 7.64 12.64 2.07
C PHE A 30 6.47 12.97 1.11
N VAL A 31 5.68 11.97 0.78
CA VAL A 31 4.53 12.13 -0.07
C VAL A 31 3.26 11.63 0.59
N VAL A 32 2.19 12.37 0.42
CA VAL A 32 0.89 11.94 0.89
C VAL A 32 -0.01 12.05 -0.31
N PHE A 33 -0.94 11.12 -0.48
CA PHE A 33 -1.70 11.05 -1.73
C PHE A 33 -3.02 10.31 -1.49
N LEU A 34 -4.07 10.83 -2.10
CA LEU A 34 -5.42 10.30 -1.95
C LEU A 34 -5.76 9.62 -3.26
N CYS A 35 -6.17 8.37 -3.18
CA CYS A 35 -6.67 7.73 -4.38
C CYS A 35 -8.08 7.28 -4.18
N LYS A 36 -8.79 7.13 -5.31
CA LYS A 36 -10.19 6.72 -5.35
C LYS A 36 -10.36 5.45 -6.17
N ASP A 37 -11.04 4.46 -5.58
CA ASP A 37 -11.34 3.16 -6.20
C ASP A 37 -10.14 2.50 -6.85
N ARG A 38 -9.05 2.41 -6.10
CA ARG A 38 -7.96 1.58 -6.53
C ARG A 38 -8.26 0.14 -6.16
N SER A 39 -7.42 -0.75 -6.68
CA SER A 39 -7.41 -2.15 -6.31
C SER A 39 -6.13 -2.40 -5.47
N GLY A 40 -5.92 -1.57 -4.43
CA GLY A 40 -4.73 -1.66 -3.57
C GLY A 40 -3.40 -1.27 -4.19
N ASP A 41 -3.47 -0.54 -5.28
CA ASP A 41 -2.30 -0.03 -5.93
C ASP A 41 -2.53 1.46 -5.94
N CYS A 42 -2.73 2.01 -4.75
CA CYS A 42 -2.58 3.43 -4.58
C CYS A 42 -1.14 3.74 -4.84
N SER A 43 -0.88 4.58 -5.81
CA SER A 43 0.43 5.16 -5.93
C SER A 43 0.22 6.64 -6.15
N PRO A 44 1.26 7.44 -5.93
CA PRO A 44 1.15 8.83 -6.32
C PRO A 44 0.70 9.04 -7.75
N GLU A 45 1.26 8.24 -8.64
CA GLU A 45 0.98 8.35 -10.08
C GLU A 45 -0.48 8.10 -10.40
N THR A 46 -1.18 7.38 -9.53
CA THR A 46 -2.59 7.06 -9.72
C THR A 46 -3.54 7.83 -8.80
N SER A 47 -3.02 8.80 -8.05
CA SER A 47 -3.82 9.47 -7.01
C SER A 47 -4.65 10.62 -7.60
N LEU A 48 -5.77 10.91 -6.95
CA LEU A 48 -6.56 12.09 -7.30
C LEU A 48 -5.69 13.33 -7.13
N LYS A 49 -5.08 13.44 -5.96
CA LYS A 49 -4.20 14.55 -5.64
C LYS A 49 -3.00 13.97 -4.91
N GLN A 50 -1.90 14.72 -4.90
CA GLN A 50 -0.74 14.39 -4.07
C GLN A 50 0.04 15.61 -3.68
N LEU A 51 0.82 15.44 -2.64
CA LEU A 51 1.53 16.49 -1.95
C LEU A 51 2.91 15.96 -1.66
N ARG A 52 3.97 16.66 -2.09
CA ARG A 52 5.34 16.20 -1.88
C ARG A 52 6.14 17.26 -1.14
N LEU A 53 6.93 16.87 -0.13
CA LEU A 53 7.61 17.85 0.71
C LEU A 53 9.05 17.58 0.95
N LYS A 54 9.76 18.69 1.18
CA LYS A 54 11.16 18.67 1.53
C LYS A 54 11.37 19.74 2.56
N ARG A 55 12.10 19.38 3.62
CA ARG A 55 12.45 20.30 4.70
C ARG A 55 13.94 20.10 4.88
N ASP A 56 14.74 21.16 4.85
CA ASP A 56 16.18 21.06 5.22
C ASP A 56 16.94 22.37 4.97
N ILE A 65 5.97 18.87 12.09
CA ILE A 65 5.91 17.42 12.28
C ILE A 65 4.61 16.75 11.72
N SER A 66 3.49 17.46 11.56
CA SER A 66 2.34 16.94 10.74
C SER A 66 2.20 17.51 9.32
N SER A 67 1.68 16.72 8.41
CA SER A 67 1.43 17.15 7.02
C SER A 67 0.04 16.67 6.62
N GLN A 68 -0.66 17.52 5.89
CA GLN A 68 -2.08 17.38 5.64
C GLN A 68 -2.39 17.68 4.18
N LEU A 69 -3.14 16.81 3.53
CA LEU A 69 -3.56 16.98 2.15
C LEU A 69 -5.02 17.22 2.21
N MET A 70 -5.50 18.19 1.47
CA MET A 70 -6.92 18.41 1.42
C MET A 70 -7.35 18.32 -0.03
N PHE A 71 -8.49 17.68 -0.22
CA PHE A 71 -9.10 17.55 -1.52
C PHE A 71 -10.52 18.00 -1.38
N THR A 72 -10.80 19.12 -2.06
CA THR A 72 -12.08 19.81 -2.03
C THR A 72 -12.94 19.50 -3.25
N ILE A 73 -14.18 19.12 -2.97
CA ILE A 73 -15.23 18.91 -3.96
C ILE A 73 -16.31 19.96 -3.75
N SER A 74 -16.44 20.89 -4.70
CA SER A 74 -17.40 22.01 -4.58
C SER A 74 -18.81 21.52 -4.46
N GLN A 75 -19.20 20.59 -5.33
CA GLN A 75 -20.51 19.93 -5.17
C GLN A 75 -20.41 18.42 -5.41
N VAL A 76 -21.04 17.67 -4.51
CA VAL A 76 -20.99 16.21 -4.57
C VAL A 76 -22.02 15.64 -5.59
N THR A 77 -21.58 14.68 -6.40
CA THR A 77 -22.26 14.15 -7.55
C THR A 77 -22.02 12.64 -7.58
N PRO A 78 -22.75 11.90 -8.43
CA PRO A 78 -22.52 10.44 -8.52
C PRO A 78 -21.12 10.11 -9.05
N LEU A 79 -20.48 11.12 -9.62
CA LEU A 79 -19.12 10.98 -10.01
C LEU A 79 -18.19 10.82 -8.80
N HIS A 80 -18.56 11.43 -7.68
CA HIS A 80 -17.81 11.32 -6.43
C HIS A 80 -18.10 10.07 -5.60
N SER A 81 -19.16 9.37 -5.95
CA SER A 81 -19.50 8.10 -5.28
C SER A 81 -18.30 7.13 -5.43
N GLY A 82 -17.87 6.51 -4.34
CA GLY A 82 -16.76 5.55 -4.40
C GLY A 82 -16.07 5.29 -3.07
N THR A 83 -15.09 4.40 -3.11
CA THR A 83 -14.19 4.22 -1.98
C THR A 83 -12.87 4.96 -2.17
N TYR A 84 -12.49 5.71 -1.13
CA TYR A 84 -11.22 6.42 -1.09
C TYR A 84 -10.23 5.84 -0.05
N GLN A 85 -8.96 6.13 -0.29
CA GLN A 85 -7.92 5.87 0.68
C GLN A 85 -6.94 7.01 0.75
N CYS A 86 -6.57 7.40 1.97
CA CYS A 86 -5.41 8.26 2.17
C CYS A 86 -4.18 7.39 2.27
N CYS A 87 -3.13 7.74 1.54
CA CYS A 87 -1.85 7.07 1.72
C CYS A 87 -0.73 8.06 1.85
N ALA A 88 0.36 7.61 2.42
CA ALA A 88 1.56 8.43 2.46
C ALA A 88 2.78 7.53 2.33
N ARG A 89 3.93 8.08 1.93
CA ARG A 89 5.17 7.29 2.02
C ARG A 89 6.39 8.15 2.18
N SER A 90 7.38 7.63 2.90
CA SER A 90 8.65 8.30 3.07
C SER A 90 9.64 7.82 2.04
N GLN A 91 10.25 8.75 1.31
CA GLN A 91 11.24 8.37 0.30
C GLN A 91 12.56 7.97 0.93
N LYS A 92 13.04 8.64 1.96
CA LYS A 92 14.25 8.15 2.61
C LYS A 92 13.93 6.80 3.27
N SER A 93 13.00 6.78 4.22
CA SER A 93 12.67 5.56 4.98
C SER A 93 12.11 4.39 4.16
N GLY A 94 11.40 4.64 3.07
CA GLY A 94 10.66 3.60 2.35
C GLY A 94 9.32 3.22 3.00
N ILE A 95 9.15 3.57 4.28
CA ILE A 95 7.92 3.30 5.05
C ILE A 95 6.69 3.92 4.43
N ARG A 96 5.60 3.18 4.49
CA ARG A 96 4.40 3.56 3.80
C ARG A 96 3.23 3.41 4.78
N LEU A 97 2.28 4.33 4.70
CA LEU A 97 1.11 4.39 5.57
C LEU A 97 -0.15 4.18 4.74
N GLN A 98 -1.07 3.35 5.26
CA GLN A 98 -2.32 3.01 4.57
C GLN A 98 -3.55 3.46 5.35
N GLY A 99 -4.16 4.57 4.97
CA GLY A 99 -5.28 5.07 5.73
C GLY A 99 -6.48 4.14 5.69
N HIS A 100 -7.38 4.37 6.62
CA HIS A 100 -8.64 3.61 6.62
C HIS A 100 -9.45 4.04 5.41
N PHE A 101 -10.08 3.08 4.77
CA PHE A 101 -11.01 3.29 3.68
C PHE A 101 -12.24 4.01 4.16
N PHE A 102 -12.69 4.88 3.28
CA PHE A 102 -13.94 5.55 3.48
C PHE A 102 -14.56 5.79 2.12
N SER A 103 -15.88 5.73 2.10
CA SER A 103 -16.59 5.77 0.84
C SER A 103 -17.64 6.82 0.89
N ILE A 104 -17.68 7.64 -0.15
CA ILE A 104 -18.78 8.57 -0.37
C ILE A 104 -19.89 7.79 -1.00
N LEU A 105 -21.09 7.88 -0.41
CA LEU A 105 -22.30 7.28 -0.96
C LEU A 105 -23.39 8.32 -1.30
N PHE A 106 -23.50 8.61 -2.59
CA PHE A 106 -24.45 9.56 -3.14
C PHE A 106 -25.77 8.79 -3.38
N THR A 107 -26.90 9.44 -3.09
CA THR A 107 -28.21 8.78 -2.95
C THR A 107 -29.37 9.62 -3.50
N ASN A 111 -28.34 13.29 -2.85
CA ASN A 111 -27.96 13.42 -1.44
C ASN A 111 -27.05 12.29 -1.01
N TYR A 112 -26.03 12.61 -0.22
CA TYR A 112 -24.94 11.68 0.02
C TYR A 112 -24.59 11.49 1.51
N THR A 113 -23.82 10.44 1.76
CA THR A 113 -23.26 10.19 3.09
C THR A 113 -21.81 9.74 2.94
N VAL A 114 -20.99 10.05 3.94
CA VAL A 114 -19.61 9.57 4.00
C VAL A 114 -19.50 8.55 5.12
N THR A 115 -18.89 7.41 4.81
CA THR A 115 -18.83 6.27 5.72
C THR A 115 -17.42 5.78 5.87
N GLY A 116 -17.18 5.03 6.93
CA GLY A 116 -15.86 4.48 7.21
C GLY A 116 -14.90 5.52 7.72
N LEU A 117 -15.36 6.75 7.97
CA LEU A 117 -14.61 7.71 8.77
C LEU A 117 -14.76 7.19 10.16
N LYS A 118 -13.84 7.52 11.07
CA LYS A 118 -14.06 7.25 12.51
C LYS A 118 -12.89 7.67 13.39
N SER A 141 -17.83 -9.47 7.30
CA SER A 141 -16.95 -8.71 8.17
C SER A 141 -16.07 -7.71 7.36
N CYS A 142 -14.81 -8.04 7.07
CA CYS A 142 -13.90 -7.05 6.48
C CYS A 142 -14.15 -6.87 4.99
N LYS A 143 -13.60 -5.79 4.45
CA LYS A 143 -13.62 -5.54 3.01
C LYS A 143 -12.59 -6.39 2.27
N GLU A 144 -12.63 -6.35 0.94
CA GLU A 144 -11.69 -7.12 0.12
C GLU A 144 -10.30 -6.76 0.59
N ASP A 145 -9.96 -5.49 0.37
CA ASP A 145 -8.63 -4.97 0.63
C ASP A 145 -8.32 -4.68 2.11
N GLU A 146 -9.22 -4.98 3.02
CA GLU A 146 -8.89 -5.08 4.45
C GLU A 146 -8.62 -6.53 4.89
N TYR A 147 -7.77 -6.67 5.91
CA TYR A 147 -7.62 -7.91 6.67
C TYR A 147 -8.12 -7.67 8.13
N PRO A 148 -8.43 -8.74 8.90
CA PRO A 148 -8.91 -8.64 10.29
C PRO A 148 -7.85 -8.62 11.39
N VAL A 149 -8.11 -7.84 12.45
CA VAL A 149 -7.20 -7.67 13.59
C VAL A 149 -7.98 -7.38 14.87
N GLY A 150 -8.06 -8.35 15.78
CA GLY A 150 -8.87 -8.20 17.00
C GLY A 150 -10.28 -7.68 16.70
N SER A 151 -10.60 -6.50 17.23
CA SER A 151 -11.92 -5.88 17.01
C SER A 151 -11.99 -4.82 15.87
N GLU A 152 -10.94 -4.73 15.04
CA GLU A 152 -10.99 -3.88 13.82
C GLU A 152 -10.65 -4.67 12.54
N CYS A 153 -10.92 -4.00 11.42
CA CYS A 153 -10.50 -4.40 10.09
C CYS A 153 -9.45 -3.38 9.62
N CYS A 154 -8.23 -3.88 9.38
CA CYS A 154 -7.12 -3.02 9.00
C CYS A 154 -6.84 -3.03 7.50
N PRO A 155 -6.48 -1.87 6.93
CA PRO A 155 -5.93 -1.74 5.57
C PRO A 155 -4.74 -2.69 5.33
N LYS A 156 -4.79 -3.39 4.21
CA LYS A 156 -3.71 -4.25 3.79
C LYS A 156 -2.55 -3.39 3.33
N CYS A 157 -1.33 -3.94 3.39
CA CYS A 157 -0.12 -3.30 2.88
C CYS A 157 0.04 -3.57 1.38
N SER A 158 0.85 -2.76 0.70
CA SER A 158 0.98 -2.82 -0.77
C SER A 158 1.74 -4.08 -1.12
N PRO A 159 1.75 -4.46 -2.41
CA PRO A 159 2.64 -5.55 -2.82
C PRO A 159 4.06 -5.14 -2.55
N GLY A 160 4.88 -6.04 -2.04
CA GLY A 160 6.28 -5.71 -1.79
C GLY A 160 6.51 -5.02 -0.47
N TYR A 161 5.52 -5.12 0.42
CA TYR A 161 5.55 -4.54 1.74
C TYR A 161 4.86 -5.47 2.75
N ARG A 162 5.51 -5.66 3.90
CA ARG A 162 4.96 -6.34 5.11
C ARG A 162 4.30 -5.33 6.03
N VAL A 163 3.47 -5.81 6.95
CA VAL A 163 2.87 -4.96 7.95
C VAL A 163 3.91 -4.69 9.02
N LYS A 164 4.31 -3.44 9.14
CA LYS A 164 5.18 -3.00 10.21
C LYS A 164 4.41 -2.88 11.49
N GLU A 165 3.21 -2.31 11.41
CA GLU A 165 2.40 -1.99 12.58
C GLU A 165 0.94 -1.95 12.16
N ALA A 166 0.08 -2.66 12.88
CA ALA A 166 -1.31 -2.80 12.47
C ALA A 166 -2.05 -1.50 12.71
N CYS A 167 -3.25 -1.38 12.18
CA CYS A 167 -3.98 -0.15 12.32
C CYS A 167 -4.57 -0.17 13.71
N GLY A 168 -4.99 0.98 14.19
CA GLY A 168 -5.65 1.13 15.48
C GLY A 168 -7.04 1.57 15.09
N GLU A 169 -7.82 2.10 16.03
CA GLU A 169 -9.18 2.58 15.70
C GLU A 169 -9.25 3.71 14.70
N LEU A 170 -8.43 4.74 14.92
CA LEU A 170 -8.51 5.97 14.16
C LEU A 170 -7.42 6.06 13.10
N THR A 171 -6.42 5.21 13.25
CA THR A 171 -5.19 5.27 12.51
C THR A 171 -5.05 4.04 11.66
N GLY A 172 -4.53 4.22 10.45
CA GLY A 172 -4.24 3.13 9.56
C GLY A 172 -2.92 2.42 9.75
N THR A 173 -2.76 1.38 8.94
CA THR A 173 -1.66 0.45 8.93
C THR A 173 -0.34 1.08 8.50
N VAL A 174 0.74 0.64 9.14
CA VAL A 174 2.08 0.93 8.73
C VAL A 174 2.73 -0.24 7.98
N CYS A 175 3.37 0.04 6.87
CA CYS A 175 4.02 -0.95 6.06
C CYS A 175 5.49 -0.63 5.83
N GLU A 176 6.33 -1.66 5.85
CA GLU A 176 7.75 -1.54 5.61
C GLU A 176 8.06 -2.30 4.34
N PRO A 177 8.97 -1.80 3.49
CA PRO A 177 9.28 -2.60 2.30
C PRO A 177 9.87 -3.96 2.68
N CYS A 178 9.67 -4.96 1.80
CA CYS A 178 10.28 -6.29 1.96
C CYS A 178 11.78 -6.18 1.79
N PRO A 179 12.55 -6.84 2.68
CA PRO A 179 14.00 -6.78 2.61
C PRO A 179 14.54 -7.66 1.49
N PRO A 180 15.76 -7.37 1.01
CA PRO A 180 16.28 -8.18 -0.10
C PRO A 180 16.35 -9.67 0.24
N GLY A 181 15.90 -10.49 -0.70
CA GLY A 181 15.76 -11.92 -0.51
C GLY A 181 14.35 -12.39 -0.31
N THR A 182 13.45 -11.44 -0.03
CA THR A 182 12.03 -11.73 0.22
C THR A 182 11.13 -10.94 -0.70
N TYR A 183 9.84 -11.34 -0.71
CA TYR A 183 8.83 -10.74 -1.56
C TYR A 183 7.40 -10.99 -1.05
N ILE A 184 6.47 -10.13 -1.47
CA ILE A 184 5.04 -10.43 -1.44
C ILE A 184 4.47 -9.83 -2.71
N ALA A 185 3.82 -10.64 -3.55
CA ALA A 185 3.24 -10.18 -4.82
C ALA A 185 1.89 -9.49 -4.75
N HIS A 186 1.16 -9.68 -3.67
CA HIS A 186 -0.26 -9.31 -3.55
C HIS A 186 -0.47 -8.39 -2.33
N LEU A 187 -1.46 -7.52 -2.39
CA LEU A 187 -1.92 -6.78 -1.22
C LEU A 187 -2.04 -7.70 -0.06
N ASN A 188 -1.57 -7.30 1.12
CA ASN A 188 -1.54 -8.25 2.25
C ASN A 188 -1.60 -7.68 3.66
N GLY A 189 -1.94 -8.56 4.60
CA GLY A 189 -1.82 -8.33 6.06
C GLY A 189 -0.78 -9.20 6.76
N LEU A 190 0.27 -9.54 5.99
CA LEU A 190 1.34 -10.43 6.45
C LEU A 190 2.38 -9.64 7.18
N SER A 191 2.91 -10.23 8.24
CA SER A 191 3.90 -9.57 9.10
C SER A 191 5.33 -9.97 8.77
N LYS A 192 5.51 -10.98 7.93
CA LYS A 192 6.82 -11.32 7.35
C LYS A 192 6.62 -11.42 5.86
N CYS A 193 7.66 -11.07 5.13
CA CYS A 193 7.67 -11.27 3.68
C CYS A 193 8.02 -12.74 3.39
N LEU A 194 7.65 -13.20 2.21
CA LEU A 194 7.88 -14.58 1.82
C LEU A 194 9.28 -14.67 1.30
N GLN A 195 9.91 -15.81 1.56
CA GLN A 195 11.28 -16.07 1.15
C GLN A 195 11.29 -16.40 -0.36
N CYS A 196 12.04 -15.63 -1.14
CA CYS A 196 12.18 -15.91 -2.58
C CYS A 196 12.89 -17.22 -2.67
N GLN A 197 12.49 -18.04 -3.64
CA GLN A 197 13.14 -19.32 -3.84
C GLN A 197 14.50 -19.13 -4.50
N MET A 198 15.50 -19.74 -3.89
CA MET A 198 16.85 -19.84 -4.45
C MET A 198 16.84 -20.99 -5.43
N CYS A 199 17.75 -20.92 -6.39
CA CYS A 199 17.90 -21.97 -7.40
C CYS A 199 19.29 -22.60 -7.25
N ASP A 200 19.33 -23.93 -7.19
CA ASP A 200 20.56 -24.69 -6.97
C ASP A 200 21.36 -24.72 -8.28
N PRO A 201 22.57 -24.09 -8.29
CA PRO A 201 23.41 -24.25 -9.49
C PRO A 201 23.75 -25.74 -9.75
N ALA A 202 23.91 -26.51 -8.65
CA ALA A 202 24.19 -27.97 -8.69
C ALA A 202 23.18 -28.84 -9.44
N MET A 203 21.98 -28.32 -9.69
CA MET A 203 20.92 -29.04 -10.40
C MET A 203 20.72 -28.48 -11.83
N GLY A 204 21.68 -27.69 -12.31
CA GLY A 204 21.51 -26.99 -13.56
C GLY A 204 20.35 -26.02 -13.51
N LEU A 205 20.12 -25.44 -12.33
CA LEU A 205 19.13 -24.39 -12.19
C LEU A 205 19.82 -23.05 -12.06
N ARG A 206 19.17 -22.05 -12.63
CA ARG A 206 19.52 -20.66 -12.41
C ARG A 206 18.25 -19.83 -12.47
N ALA A 207 18.36 -18.66 -11.85
CA ALA A 207 17.28 -17.72 -11.77
C ALA A 207 16.98 -17.20 -13.18
N SER A 208 15.83 -17.56 -13.73
CA SER A 208 15.37 -17.04 -15.04
C SER A 208 14.64 -15.70 -14.87
N ARG A 209 14.00 -15.51 -13.71
CA ARG A 209 13.49 -14.21 -13.27
C ARG A 209 14.10 -13.91 -11.90
N ASN A 210 14.63 -12.70 -11.73
CA ASN A 210 15.15 -12.28 -10.43
C ASN A 210 14.02 -12.09 -9.38
N CYS A 211 14.49 -12.04 -8.14
CA CYS A 211 13.69 -11.82 -6.95
C CYS A 211 13.65 -10.31 -6.75
N SER A 212 12.49 -9.69 -6.86
CA SER A 212 12.29 -8.28 -6.49
C SER A 212 11.29 -8.26 -5.33
N ARG A 213 11.01 -7.09 -4.76
CA ARG A 213 10.15 -7.04 -3.54
C ARG A 213 8.74 -7.55 -3.80
N THR A 214 8.29 -7.46 -5.05
CA THR A 214 6.95 -7.82 -5.45
C THR A 214 6.90 -9.09 -6.28
N GLU A 215 8.03 -9.58 -6.82
CA GLU A 215 8.04 -10.81 -7.60
C GLU A 215 9.02 -11.79 -7.05
N ASN A 216 8.57 -13.03 -6.90
CA ASN A 216 9.43 -14.18 -6.59
C ASN A 216 10.39 -14.49 -7.74
N ALA A 217 11.48 -15.17 -7.43
CA ALA A 217 12.40 -15.65 -8.48
C ALA A 217 11.76 -16.84 -9.21
N VAL A 218 12.18 -17.08 -10.46
CA VAL A 218 11.85 -18.33 -11.16
C VAL A 218 13.13 -19.09 -11.43
N CYS A 219 13.10 -20.42 -11.23
CA CYS A 219 14.23 -21.25 -11.65
C CYS A 219 14.00 -21.81 -13.05
N GLY A 220 14.92 -21.46 -13.95
CA GLY A 220 14.98 -22.01 -15.30
C GLY A 220 16.28 -22.77 -15.40
N CYS A 221 16.57 -23.30 -16.58
CA CYS A 221 17.75 -24.15 -16.79
C CYS A 221 18.99 -23.37 -17.19
N SER A 222 20.16 -23.94 -16.88
CA SER A 222 21.45 -23.32 -17.16
C SER A 222 21.73 -23.35 -18.68
N PRO A 223 22.82 -22.72 -19.15
CA PRO A 223 23.11 -22.75 -20.60
C PRO A 223 23.26 -24.16 -21.15
N GLY A 224 22.60 -24.45 -22.27
CA GLY A 224 22.66 -25.78 -22.89
C GLY A 224 22.06 -26.96 -22.11
N HIS A 225 21.29 -26.65 -21.05
CA HIS A 225 20.59 -27.67 -20.23
C HIS A 225 19.11 -27.64 -20.58
N PHE A 226 18.44 -28.78 -20.40
CA PHE A 226 16.99 -28.88 -20.57
C PHE A 226 16.43 -29.41 -19.26
N CYS A 227 15.15 -29.12 -19.03
CA CYS A 227 14.51 -29.47 -17.76
C CYS A 227 14.05 -30.91 -17.76
N ILE A 228 14.05 -31.52 -16.58
CA ILE A 228 13.54 -32.90 -16.40
C ILE A 228 12.55 -33.08 -15.23
N VAL A 229 12.74 -32.35 -14.12
CA VAL A 229 11.73 -32.30 -13.02
C VAL A 229 11.08 -30.93 -12.91
N GLN A 230 9.74 -30.91 -12.85
CA GLN A 230 8.92 -29.68 -12.91
C GLN A 230 8.39 -29.34 -11.52
N ASP A 231 7.81 -28.14 -11.41
CA ASP A 231 7.25 -27.67 -10.13
C ASP A 231 6.25 -26.55 -10.29
N CYS A 235 11.43 -25.26 -12.77
CA CYS A 235 12.16 -26.52 -12.67
C CYS A 235 12.73 -26.79 -11.30
N ALA A 236 12.68 -28.06 -10.93
CA ALA A 236 13.41 -28.55 -9.75
C ALA A 236 14.84 -28.98 -10.10
N ALA A 237 15.10 -29.34 -11.37
CA ALA A 237 16.45 -29.73 -11.87
C ALA A 237 16.56 -29.94 -13.39
N CYS A 238 17.76 -29.69 -13.91
CA CYS A 238 18.04 -29.69 -15.36
C CYS A 238 19.22 -30.57 -15.77
N ARG A 239 19.23 -30.96 -17.05
CA ARG A 239 20.23 -31.86 -17.63
C ARG A 239 21.02 -31.10 -18.74
#